data_8WRF
#
_entry.id   8WRF
#
_cell.length_a   103.090
_cell.length_b   103.090
_cell.length_c   146.640
_cell.angle_alpha   90.00
_cell.angle_beta   90.00
_cell.angle_gamma   120.00
#
_symmetry.space_group_name_H-M   'P 32 2 1'
#
_entity_poly.entity_id   1
_entity_poly.type   'polypeptide(L)'
_entity_poly.pdbx_seq_one_letter_code
;GSHMDPAKREAILEAAKRLFLCNGYDGSSMEAIASEAGVSKLTVYSHFTDKETLFSEAVKAKCAEQLPALYFQLAEGAPL
EKVLLNIARGFHRLINSHEAIALTRLMAAQAGQNPKLSELFFEAGPKQVIDEMERLLEQARRSGKLAFPDARHAAEHFFM
LVKGCANYRLLIGCAEPLDEAEGERHVEEVVALFLRAFAAGG
;
_entity_poly.pdbx_strand_id   A,B
#
# COMPACT_ATOMS: atom_id res chain seq x y z
N MET A 4 5.17 19.40 28.18
CA MET A 4 6.60 19.46 28.53
C MET A 4 7.33 20.54 27.72
N ASP A 5 8.34 21.18 28.39
CA ASP A 5 9.28 22.15 27.80
C ASP A 5 9.66 21.86 26.36
N PRO A 6 9.39 22.78 25.44
CA PRO A 6 9.47 22.43 24.01
C PRO A 6 10.88 22.13 23.51
N ALA A 7 11.91 22.82 24.01
CA ALA A 7 13.26 22.50 23.57
C ALA A 7 13.64 21.08 23.94
N LYS A 8 13.28 20.67 25.17
CA LYS A 8 13.54 19.31 25.63
C LYS A 8 12.81 18.27 24.78
N ARG A 9 11.51 18.48 24.54
CA ARG A 9 10.77 17.53 23.70
C ARG A 9 11.33 17.45 22.29
N GLU A 10 11.70 18.61 21.71
CA GLU A 10 12.26 18.65 20.37
C GLU A 10 13.59 17.90 20.29
N ALA A 11 14.51 18.19 21.21
CA ALA A 11 15.77 17.45 21.24
C ALA A 11 15.50 15.95 21.34
N ILE A 12 14.58 15.54 22.23
CA ILE A 12 14.36 14.12 22.48
C ILE A 12 13.78 13.45 21.24
N LEU A 13 12.84 14.12 20.55
CA LEU A 13 12.29 13.52 19.34
C LEU A 13 13.30 13.48 18.21
N GLU A 14 13.99 14.58 17.94
CA GLU A 14 15.03 14.55 16.91
C GLU A 14 16.01 13.42 17.17
N ALA A 15 16.47 13.28 18.41
CA ALA A 15 17.43 12.26 18.73
C ALA A 15 16.83 10.88 18.50
N ALA A 16 15.60 10.69 18.95
CA ALA A 16 14.97 9.38 18.86
C ALA A 16 14.79 8.97 17.41
N LYS A 17 14.36 9.90 16.56
CA LYS A 17 14.20 9.63 15.13
C LYS A 17 15.54 9.31 14.49
N ARG A 18 16.52 10.23 14.62
CA ARG A 18 17.84 9.97 14.07
C ARG A 18 18.41 8.61 14.49
N LEU A 19 18.25 8.25 15.77
CA LEU A 19 18.77 6.96 16.20
C LEU A 19 17.95 5.81 15.63
N PHE A 20 16.61 5.90 15.70
CA PHE A 20 15.75 4.88 15.10
C PHE A 20 15.99 4.72 13.61
N LEU A 21 16.67 5.69 12.97
CA LEU A 21 17.02 5.54 11.57
C LEU A 21 18.46 5.06 11.40
N CYS A 22 19.47 5.90 11.68
CA CYS A 22 20.87 5.48 11.63
C CYS A 22 21.19 4.09 12.17
N ASN A 23 20.74 3.78 13.37
CA ASN A 23 20.79 2.40 13.87
C ASN A 23 19.34 1.91 13.78
N GLY A 24 19.11 0.68 14.22
CA GLY A 24 17.77 0.17 14.16
C GLY A 24 17.00 0.49 15.39
N TYR A 25 15.68 0.27 15.32
CA TYR A 25 14.88 0.36 16.54
C TYR A 25 15.49 -0.43 17.67
N ASP A 26 15.89 -1.67 17.41
CA ASP A 26 16.50 -2.46 18.49
C ASP A 26 17.90 -1.98 18.86
N GLY A 27 18.55 -1.21 17.99
CA GLY A 27 19.85 -0.65 18.30
C GLY A 27 19.80 0.68 19.00
N SER A 28 18.63 1.30 19.08
CA SER A 28 18.45 2.52 19.84
C SER A 28 18.02 2.18 21.27
N SER A 29 18.62 2.86 22.24
CA SER A 29 18.25 2.74 23.65
C SER A 29 17.75 4.07 24.18
N MET A 30 16.94 3.99 25.26
CA MET A 30 16.56 5.21 25.96
C MET A 30 17.80 5.95 26.43
N GLU A 31 18.83 5.21 26.88
CA GLU A 31 20.05 5.84 27.37
C GLU A 31 20.79 6.55 26.25
N ALA A 32 20.76 5.97 25.05
CA ALA A 32 21.39 6.63 23.91
C ALA A 32 20.59 7.83 23.46
N ILE A 33 19.26 7.71 23.41
CA ILE A 33 18.40 8.84 23.07
C ILE A 33 18.64 10.00 24.03
N ALA A 34 18.60 9.71 25.33
CA ALA A 34 18.91 10.69 26.36
C ALA A 34 20.24 11.36 26.09
N SER A 35 21.30 10.56 26.00
CA SER A 35 22.62 11.17 25.89
C SER A 35 22.73 12.01 24.63
N GLU A 36 22.09 11.58 23.56
CA GLU A 36 22.15 12.31 22.30
C GLU A 36 21.39 13.64 22.38
N ALA A 37 20.20 13.64 22.99
CA ALA A 37 19.36 14.82 23.10
C ALA A 37 19.89 15.85 24.09
N GLY A 38 20.94 15.52 24.84
CA GLY A 38 21.46 16.45 25.83
C GLY A 38 20.60 16.58 27.06
N VAL A 39 19.87 15.53 27.43
CA VAL A 39 19.03 15.51 28.60
C VAL A 39 19.36 14.27 29.42
N SER A 40 18.74 14.18 30.58
CA SER A 40 18.97 13.12 31.56
C SER A 40 18.09 11.92 31.29
N LYS A 41 18.60 10.73 31.64
CA LYS A 41 17.76 9.54 31.58
C LYS A 41 16.42 9.79 32.27
N LEU A 42 16.46 10.41 33.46
CA LEU A 42 15.23 10.61 34.23
C LEU A 42 14.24 11.49 33.48
N THR A 43 14.74 12.50 32.74
CA THR A 43 13.85 13.35 31.94
C THR A 43 13.10 12.50 30.91
N VAL A 44 13.83 11.66 30.19
CA VAL A 44 13.21 10.82 29.16
C VAL A 44 12.19 9.88 29.79
N TYR A 45 12.55 9.20 30.88
CA TYR A 45 11.57 8.28 31.47
C TYR A 45 10.39 8.99 32.10
N SER A 46 10.55 10.26 32.46
CA SER A 46 9.42 11.01 32.99
C SER A 46 8.42 11.35 31.91
N HIS A 47 8.89 11.59 30.69
CA HIS A 47 7.93 11.94 29.65
C HIS A 47 7.60 10.84 28.65
N PHE A 48 8.34 9.73 28.64
CA PHE A 48 8.00 8.58 27.82
C PHE A 48 8.34 7.34 28.63
N THR A 49 7.32 6.57 28.98
CA THR A 49 7.51 5.45 29.89
C THR A 49 8.68 4.58 29.48
N ASP A 50 8.71 4.19 28.21
CA ASP A 50 9.72 3.30 27.67
C ASP A 50 9.82 3.55 26.17
N LYS A 51 10.75 2.84 25.54
CA LYS A 51 11.00 3.03 24.11
C LYS A 51 9.74 2.78 23.28
N GLU A 52 8.86 1.89 23.72
CA GLU A 52 7.63 1.62 22.96
C GLU A 52 6.81 2.90 22.88
N THR A 53 6.63 3.54 24.03
CA THR A 53 5.83 4.75 24.13
C THR A 53 6.49 5.91 23.38
N LEU A 54 7.82 5.98 23.41
CA LEU A 54 8.50 7.05 22.70
C LEU A 54 8.31 6.92 21.19
N PHE A 55 8.51 5.71 20.65
CA PHE A 55 8.16 5.43 19.26
C PHE A 55 6.71 5.80 18.94
N SER A 56 5.76 5.31 19.75
CA SER A 56 4.36 5.66 19.55
C SER A 56 4.16 7.17 19.43
N GLU A 57 4.81 7.93 20.33
CA GLU A 57 4.60 9.37 20.40
C GLU A 57 5.26 10.10 19.24
N ALA A 58 6.39 9.59 18.77
CA ALA A 58 7.00 10.13 17.56
C ALA A 58 6.04 10.01 16.38
N VAL A 59 5.43 8.82 16.21
CA VAL A 59 4.51 8.61 15.10
C VAL A 59 3.28 9.51 15.23
N LYS A 60 2.63 9.49 16.41
CA LYS A 60 1.51 10.40 16.66
C LYS A 60 1.90 11.82 16.31
N ALA A 61 3.13 12.21 16.66
CA ALA A 61 3.58 13.58 16.48
C ALA A 61 3.63 13.95 15.00
N LYS A 62 4.26 13.10 14.17
CA LYS A 62 4.36 13.45 12.75
C LYS A 62 2.97 13.52 12.12
N CYS A 63 2.08 12.59 12.50
CA CYS A 63 0.71 12.62 11.94
C CYS A 63 0.03 13.94 12.27
N ALA A 64 0.06 14.34 13.54
CA ALA A 64 -0.61 15.57 13.95
C ALA A 64 0.02 16.81 13.29
N GLU A 65 1.32 16.76 12.96
CA GLU A 65 1.95 17.90 12.28
C GLU A 65 1.42 18.05 10.87
N GLN A 66 1.39 16.94 10.10
CA GLN A 66 0.87 16.97 8.73
C GLN A 66 -0.66 16.93 8.65
N LEU A 67 -1.35 16.47 9.70
CA LEU A 67 -2.80 16.42 9.74
C LEU A 67 -3.32 16.97 11.07
N PRO A 68 -3.37 18.30 11.20
CA PRO A 68 -3.94 18.90 12.41
C PRO A 68 -5.41 18.54 12.61
N ALA A 69 -5.75 18.22 13.86
CA ALA A 69 -7.14 17.95 14.24
C ALA A 69 -8.11 19.00 13.70
N LEU A 70 -7.62 20.22 13.50
CA LEU A 70 -8.43 21.28 12.93
C LEU A 70 -9.00 20.89 11.57
N TYR A 71 -8.27 20.06 10.83
CA TYR A 71 -8.72 19.60 9.50
C TYR A 71 -9.99 18.77 9.57
N PHE A 72 -10.25 18.09 10.69
CA PHE A 72 -11.31 17.10 10.78
C PHE A 72 -12.59 17.65 11.38
N GLN A 73 -12.81 18.95 11.24
CA GLN A 73 -13.97 19.61 11.80
C GLN A 73 -14.67 20.35 10.66
N LEU A 74 -15.94 20.04 10.46
CA LEU A 74 -16.67 20.57 9.31
C LEU A 74 -17.59 21.67 9.83
N ALA A 75 -17.10 22.91 9.76
CA ALA A 75 -17.89 24.08 10.12
C ALA A 75 -19.17 24.14 9.28
N GLU A 76 -20.20 24.72 9.88
CA GLU A 76 -21.52 24.75 9.26
C GLU A 76 -21.50 25.49 7.93
N GLY A 77 -21.85 24.79 6.85
CA GLY A 77 -21.83 25.37 5.53
C GLY A 77 -20.46 25.47 4.88
N ALA A 78 -19.38 25.17 5.62
CA ALA A 78 -18.04 25.23 5.05
C ALA A 78 -17.94 24.31 3.83
N PRO A 79 -17.19 24.71 2.79
CA PRO A 79 -17.08 23.87 1.59
C PRO A 79 -16.35 22.57 1.88
N LEU A 80 -16.97 21.47 1.47
CA LEU A 80 -16.43 20.16 1.78
C LEU A 80 -15.19 19.86 0.93
N GLU A 81 -15.16 20.38 -0.29
CA GLU A 81 -14.06 20.04 -1.17
C GLU A 81 -12.73 20.58 -0.66
N LYS A 82 -12.70 21.81 -0.12
CA LYS A 82 -11.45 22.32 0.44
C LYS A 82 -11.04 21.50 1.68
N VAL A 83 -12.01 21.08 2.49
CA VAL A 83 -11.74 20.24 3.64
C VAL A 83 -11.08 18.94 3.21
N LEU A 84 -11.70 18.24 2.25
CA LEU A 84 -11.17 16.96 1.78
C LEU A 84 -9.82 17.15 1.08
N LEU A 85 -9.66 18.19 0.28
CA LEU A 85 -8.36 18.54 -0.30
C LEU A 85 -7.28 18.72 0.75
N ASN A 86 -7.59 19.43 1.84
CA ASN A 86 -6.57 19.62 2.88
C ASN A 86 -6.19 18.29 3.48
N ILE A 87 -7.18 17.46 3.78
CA ILE A 87 -6.89 16.14 4.32
C ILE A 87 -6.04 15.32 3.36
N ALA A 88 -6.40 15.33 2.08
CA ALA A 88 -5.66 14.54 1.11
C ALA A 88 -4.24 15.06 0.94
N ARG A 89 -4.05 16.39 0.91
CA ARG A 89 -2.70 16.93 0.75
C ARG A 89 -1.82 16.57 1.95
N GLY A 90 -2.39 16.64 3.14
CA GLY A 90 -1.62 16.29 4.33
C GLY A 90 -1.27 14.82 4.38
N PHE A 91 -2.23 13.96 4.03
CA PHE A 91 -1.94 12.53 4.03
C PHE A 91 -0.89 12.18 2.96
N HIS A 92 -1.02 12.76 1.77
CA HIS A 92 -0.03 12.51 0.74
C HIS A 92 1.38 12.84 1.24
N ARG A 93 1.56 14.04 1.84
CA ARG A 93 2.85 14.41 2.41
C ARG A 93 3.30 13.45 3.50
N LEU A 94 2.41 13.15 4.44
CA LEU A 94 2.72 12.19 5.50
C LEU A 94 3.29 10.88 4.95
N ILE A 95 2.53 10.19 4.08
CA ILE A 95 2.96 8.84 3.68
C ILE A 95 4.13 8.82 2.71
N ASN A 96 4.38 9.88 1.94
CA ASN A 96 5.51 9.85 1.02
C ASN A 96 6.82 10.41 1.60
N SER A 97 6.86 10.80 2.87
CA SER A 97 8.11 11.27 3.46
C SER A 97 9.09 10.12 3.60
N HIS A 98 10.38 10.48 3.64
CA HIS A 98 11.41 9.46 3.80
C HIS A 98 11.23 8.68 5.10
N GLU A 99 10.90 9.36 6.20
CA GLU A 99 10.64 8.66 7.46
C GLU A 99 9.48 7.67 7.34
N ALA A 100 8.38 8.09 6.72
CA ALA A 100 7.24 7.19 6.54
C ALA A 100 7.60 6.01 5.62
N ILE A 101 8.29 6.28 4.50
CA ILE A 101 8.64 5.21 3.57
C ILE A 101 9.57 4.21 4.23
N ALA A 102 10.56 4.71 4.98
CA ALA A 102 11.51 3.86 5.69
C ALA A 102 10.78 2.99 6.70
N LEU A 103 9.90 3.58 7.48
CA LEU A 103 9.21 2.82 8.52
C LEU A 103 8.24 1.80 7.91
N THR A 104 7.46 2.19 6.90
CA THR A 104 6.55 1.24 6.28
C THR A 104 7.31 0.05 5.70
N ARG A 105 8.42 0.32 5.00
CA ARG A 105 9.28 -0.76 4.54
C ARG A 105 9.70 -1.66 5.69
N LEU A 106 10.11 -1.07 6.83
CA LEU A 106 10.62 -1.88 7.94
C LEU A 106 9.52 -2.76 8.52
N MET A 107 8.36 -2.15 8.81
CA MET A 107 7.23 -2.87 9.35
C MET A 107 6.89 -4.08 8.50
N ALA A 108 6.93 -3.91 7.18
CA ALA A 108 6.65 -5.04 6.30
C ALA A 108 7.81 -6.03 6.29
N ALA A 109 9.04 -5.56 6.32
CA ALA A 109 10.15 -6.48 6.21
C ALA A 109 10.40 -7.28 7.47
N GLN A 110 9.81 -6.91 8.61
CA GLN A 110 10.00 -7.64 9.86
C GLN A 110 8.66 -8.07 10.45
N ALA A 111 7.75 -8.55 9.61
CA ALA A 111 6.46 -8.99 10.11
C ALA A 111 6.61 -10.24 10.98
N GLY A 112 7.41 -11.21 10.53
CA GLY A 112 7.64 -12.41 11.33
C GLY A 112 8.49 -12.18 12.57
N GLN A 113 9.45 -11.26 12.49
CA GLN A 113 10.42 -11.10 13.59
C GLN A 113 9.77 -10.48 14.82
N ASN A 114 9.04 -9.39 14.65
CA ASN A 114 8.52 -8.61 15.78
C ASN A 114 7.27 -7.88 15.34
N PRO A 115 6.13 -8.59 15.30
CA PRO A 115 4.86 -7.91 14.99
C PRO A 115 4.31 -7.06 16.13
N LYS A 116 4.77 -7.24 17.37
CA LYS A 116 4.42 -6.31 18.46
C LYS A 116 4.75 -4.85 18.09
N LEU A 117 5.94 -4.63 17.52
CA LEU A 117 6.27 -3.30 17.01
C LEU A 117 5.26 -2.86 15.97
N SER A 118 4.88 -3.76 15.06
CA SER A 118 3.94 -3.40 14.00
C SER A 118 2.59 -3.00 14.55
N GLU A 119 2.17 -3.61 15.65
CA GLU A 119 0.90 -3.22 16.26
C GLU A 119 1.00 -1.85 16.94
N LEU A 120 2.14 -1.56 17.56
CA LEU A 120 2.33 -0.20 18.07
C LEU A 120 2.20 0.83 16.97
N PHE A 121 2.92 0.58 15.87
CA PHE A 121 2.87 1.46 14.70
C PHE A 121 1.44 1.63 14.21
N PHE A 122 0.73 0.53 13.96
CA PHE A 122 -0.62 0.67 13.46
C PHE A 122 -1.48 1.52 14.39
N GLU A 123 -1.40 1.27 15.70
CA GLU A 123 -2.30 1.97 16.62
C GLU A 123 -1.96 3.46 16.71
N ALA A 124 -0.68 3.81 16.50
CA ALA A 124 -0.23 5.21 16.61
C ALA A 124 -0.60 6.04 15.38
N GLY A 125 -0.36 5.51 14.17
CA GLY A 125 -0.58 6.26 12.95
C GLY A 125 -1.86 5.92 12.20
N PRO A 126 -1.84 4.85 11.40
CA PRO A 126 -3.02 4.51 10.57
C PRO A 126 -4.35 4.51 11.30
N LYS A 127 -4.42 3.94 12.51
CA LYS A 127 -5.72 3.85 13.17
C LYS A 127 -6.22 5.23 13.60
N GLN A 128 -5.31 6.13 14.04
CA GLN A 128 -5.75 7.45 14.50
C GLN A 128 -6.23 8.31 13.34
N VAL A 129 -5.55 8.19 12.20
CA VAL A 129 -5.93 8.92 10.99
C VAL A 129 -7.29 8.44 10.46
N ILE A 130 -7.52 7.12 10.46
CA ILE A 130 -8.83 6.62 10.06
C ILE A 130 -9.90 7.05 11.04
N ASP A 131 -9.61 7.05 12.34
CA ASP A 131 -10.57 7.50 13.35
C ASP A 131 -11.01 8.94 13.07
N GLU A 132 -10.02 9.85 12.95
CA GLU A 132 -10.30 11.24 12.59
C GLU A 132 -11.17 11.34 11.34
N MET A 133 -10.77 10.62 10.27
CA MET A 133 -11.43 10.76 8.98
C MET A 133 -12.85 10.21 9.04
N GLU A 134 -13.05 9.10 9.75
CA GLU A 134 -14.40 8.61 9.97
C GLU A 134 -15.26 9.67 10.65
N ARG A 135 -14.71 10.33 11.68
CA ARG A 135 -15.48 11.34 12.39
C ARG A 135 -15.87 12.49 11.44
N LEU A 136 -14.91 12.96 10.66
CA LEU A 136 -15.23 14.04 9.72
C LEU A 136 -16.28 13.59 8.70
N LEU A 137 -16.11 12.38 8.13
CA LEU A 137 -17.04 11.91 7.12
C LEU A 137 -18.44 11.73 7.69
N GLU A 138 -18.54 11.34 8.96
CA GLU A 138 -19.83 11.34 9.65
C GLU A 138 -20.44 12.75 9.64
N GLN A 139 -19.64 13.76 9.99
CA GLN A 139 -20.14 15.15 9.89
C GLN A 139 -20.57 15.49 8.45
N ALA A 140 -19.87 14.96 7.44
CA ALA A 140 -20.25 15.24 6.06
C ALA A 140 -21.54 14.52 5.67
N ARG A 141 -21.77 13.33 6.22
CA ARG A 141 -23.05 12.65 6.03
C ARG A 141 -24.19 13.45 6.64
N ARG A 142 -23.96 14.02 7.84
CA ARG A 142 -25.02 14.74 8.55
C ARG A 142 -25.33 16.08 7.91
N SER A 143 -24.38 16.70 7.24
CA SER A 143 -24.74 17.85 6.40
C SER A 143 -25.48 17.43 5.13
N GLY A 144 -25.65 16.13 4.89
CA GLY A 144 -26.34 15.67 3.70
C GLY A 144 -25.65 16.00 2.39
N LYS A 145 -24.33 16.12 2.41
CA LYS A 145 -23.60 16.35 1.16
C LYS A 145 -23.07 15.04 0.59
N LEU A 146 -22.70 14.11 1.47
CA LEU A 146 -22.17 12.80 1.11
C LEU A 146 -23.04 11.73 1.73
N ALA A 147 -23.08 10.57 1.08
CA ALA A 147 -23.85 9.44 1.55
C ALA A 147 -22.98 8.20 1.52
N PHE A 148 -22.98 7.45 2.61
CA PHE A 148 -22.38 6.13 2.59
C PHE A 148 -22.97 5.29 3.71
N PRO A 149 -23.11 3.97 3.49
CA PRO A 149 -23.46 3.07 4.60
C PRO A 149 -22.51 3.11 5.78
N ASP A 150 -21.20 3.14 5.55
CA ASP A 150 -20.19 3.02 6.60
C ASP A 150 -19.08 4.05 6.37
N ALA A 151 -19.11 5.13 7.16
CA ALA A 151 -18.11 6.19 7.03
C ALA A 151 -16.71 5.69 7.29
N ARG A 152 -16.53 4.63 8.09
CA ARG A 152 -15.17 4.16 8.29
C ARG A 152 -14.63 3.47 7.02
N HIS A 153 -15.48 2.68 6.34
CA HIS A 153 -15.07 2.11 5.06
C HIS A 153 -14.81 3.20 4.02
N ALA A 154 -15.61 4.27 4.05
CA ALA A 154 -15.39 5.33 3.10
C ALA A 154 -14.05 6.01 3.36
N ALA A 155 -13.70 6.18 4.64
CA ALA A 155 -12.42 6.77 5.01
C ALA A 155 -11.26 5.94 4.47
N GLU A 156 -11.35 4.61 4.65
CA GLU A 156 -10.30 3.74 4.12
C GLU A 156 -10.22 3.81 2.60
N HIS A 157 -11.36 3.98 1.92
CA HIS A 157 -11.32 4.16 0.47
C HIS A 157 -10.61 5.45 0.09
N PHE A 158 -11.00 6.55 0.74
CA PHE A 158 -10.31 7.82 0.59
C PHE A 158 -8.81 7.65 0.67
N PHE A 159 -8.34 7.10 1.77
CA PHE A 159 -6.90 7.04 1.98
C PHE A 159 -6.22 6.11 0.98
N MET A 160 -6.84 5.00 0.59
CA MET A 160 -6.20 4.16 -0.42
C MET A 160 -6.04 4.90 -1.75
N LEU A 161 -7.10 5.57 -2.19
CA LEU A 161 -7.04 6.40 -3.39
C LEU A 161 -5.96 7.46 -3.29
N VAL A 162 -5.80 8.05 -2.11
CA VAL A 162 -4.81 9.16 -1.94
C VAL A 162 -3.40 8.61 -2.03
N LYS A 163 -3.04 7.63 -1.23
CA LYS A 163 -1.71 7.02 -1.41
C LYS A 163 -2.00 6.11 -2.57
N GLY A 164 -1.73 6.51 -3.79
CA GLY A 164 -2.01 5.62 -4.93
C GLY A 164 -0.87 4.75 -5.37
N CYS A 165 -0.79 4.54 -6.68
CA CYS A 165 0.24 3.71 -7.29
C CYS A 165 1.62 4.34 -7.09
N ALA A 166 1.71 5.66 -7.16
CA ALA A 166 3.00 6.31 -6.98
C ALA A 166 3.60 6.00 -5.61
N ASN A 167 2.78 5.97 -4.57
CA ASN A 167 3.30 5.65 -3.27
C ASN A 167 3.78 4.20 -3.23
N TYR A 168 3.04 3.31 -3.89
CA TYR A 168 3.51 1.92 -3.99
C TYR A 168 4.87 1.81 -4.68
N ARG A 169 5.01 2.50 -5.83
CA ARG A 169 6.28 2.50 -6.57
C ARG A 169 7.41 3.02 -5.71
N LEU A 170 7.13 4.02 -4.88
CA LEU A 170 8.17 4.59 -4.02
C LEU A 170 8.56 3.60 -2.92
N LEU A 171 7.57 2.92 -2.35
CA LEU A 171 7.85 1.93 -1.32
C LEU A 171 8.69 0.78 -1.85
N ILE A 172 8.42 0.30 -3.05
CA ILE A 172 9.20 -0.85 -3.54
C ILE A 172 10.56 -0.43 -4.11
N GLY A 173 10.85 0.86 -4.18
CA GLY A 173 12.18 1.30 -4.51
C GLY A 173 12.45 1.57 -5.97
N CYS A 174 11.41 1.83 -6.75
CA CYS A 174 11.57 1.87 -8.19
C CYS A 174 11.14 3.17 -8.84
N ALA A 175 10.68 4.14 -8.06
CA ALA A 175 10.48 5.50 -8.52
C ALA A 175 11.02 6.45 -7.46
N GLU A 176 11.17 7.69 -7.84
CA GLU A 176 11.41 8.76 -6.90
C GLU A 176 10.08 9.35 -6.46
N PRO A 177 10.05 10.15 -5.40
CA PRO A 177 8.78 10.77 -5.03
C PRO A 177 8.34 11.78 -6.07
N LEU A 178 7.04 11.95 -6.17
CA LEU A 178 6.49 12.96 -7.06
C LEU A 178 6.83 14.36 -6.53
N ASP A 179 7.05 15.30 -7.44
CA ASP A 179 7.17 16.69 -7.03
C ASP A 179 5.81 17.18 -6.51
N GLU A 180 5.80 18.40 -5.95
CA GLU A 180 4.62 18.87 -5.25
C GLU A 180 3.48 19.19 -6.22
N ALA A 181 3.79 19.58 -7.46
CA ALA A 181 2.75 19.87 -8.45
C ALA A 181 2.10 18.59 -8.99
N GLU A 182 2.90 17.55 -9.25
CA GLU A 182 2.36 16.24 -9.61
C GLU A 182 1.42 15.72 -8.51
N GLY A 183 1.93 15.61 -7.29
CA GLY A 183 1.09 15.20 -6.17
C GLY A 183 -0.18 16.01 -6.06
N GLU A 184 -0.12 17.30 -6.38
CA GLU A 184 -1.36 18.08 -6.34
C GLU A 184 -2.35 17.65 -7.43
N ARG A 185 -1.85 17.39 -8.65
CA ARG A 185 -2.72 16.87 -9.69
C ARG A 185 -3.38 15.58 -9.25
N HIS A 186 -2.57 14.69 -8.65
CA HIS A 186 -3.11 13.43 -8.15
C HIS A 186 -4.22 13.65 -7.12
N VAL A 187 -3.94 14.43 -6.07
CA VAL A 187 -4.93 14.58 -4.99
C VAL A 187 -6.20 15.23 -5.53
N GLU A 188 -6.08 16.15 -6.49
CA GLU A 188 -7.27 16.82 -6.94
C GLU A 188 -8.15 15.83 -7.69
N GLU A 189 -7.52 14.99 -8.51
CA GLU A 189 -8.25 13.91 -9.19
C GLU A 189 -8.95 13.01 -8.20
N VAL A 190 -8.24 12.61 -7.15
CA VAL A 190 -8.77 11.64 -6.20
C VAL A 190 -9.95 12.21 -5.44
N VAL A 191 -9.82 13.46 -4.97
CA VAL A 191 -10.93 14.09 -4.25
C VAL A 191 -12.14 14.26 -5.17
N ALA A 192 -11.91 14.58 -6.45
CA ALA A 192 -13.05 14.72 -7.35
C ALA A 192 -13.76 13.38 -7.53
N LEU A 193 -12.98 12.32 -7.68
CA LEU A 193 -13.56 10.99 -7.82
C LEU A 193 -14.37 10.62 -6.58
N PHE A 194 -13.79 10.82 -5.39
CA PHE A 194 -14.47 10.50 -4.15
C PHE A 194 -15.76 11.27 -4.00
N LEU A 195 -15.77 12.56 -4.39
CA LEU A 195 -17.03 13.30 -4.37
C LEU A 195 -18.03 12.73 -5.38
N ARG A 196 -17.56 12.27 -6.54
CA ARG A 196 -18.49 11.65 -7.49
C ARG A 196 -19.08 10.37 -6.92
N ALA A 197 -18.23 9.56 -6.28
CA ALA A 197 -18.60 8.23 -5.82
C ALA A 197 -19.50 8.24 -4.58
N PHE A 198 -19.51 9.32 -3.80
CA PHE A 198 -20.31 9.37 -2.58
C PHE A 198 -21.29 10.53 -2.55
N ALA A 199 -21.54 11.13 -3.72
CA ALA A 199 -22.53 12.19 -3.84
C ALA A 199 -23.87 11.77 -3.29
N ALA A 200 -24.34 12.50 -2.29
CA ALA A 200 -25.68 12.31 -1.74
C ALA A 200 -26.74 12.60 -2.79
N GLY A 201 -27.75 11.73 -2.84
CA GLY A 201 -28.71 11.75 -3.93
C GLY A 201 -28.34 10.86 -5.10
N GLY A 202 -27.39 9.95 -4.91
CA GLY A 202 -26.89 9.11 -6.00
C GLY A 202 -25.70 9.74 -6.70
N MET B 4 10.29 -24.66 -24.15
CA MET B 4 10.58 -25.71 -23.16
C MET B 4 9.34 -26.42 -22.63
N ASP B 5 9.61 -27.59 -22.07
CA ASP B 5 8.58 -28.42 -21.45
C ASP B 5 7.98 -27.65 -20.28
N PRO B 6 6.63 -27.64 -20.12
CA PRO B 6 6.03 -26.97 -18.95
C PRO B 6 6.58 -27.47 -17.61
N ALA B 7 6.79 -28.78 -17.46
CA ALA B 7 7.40 -29.33 -16.26
C ALA B 7 8.70 -28.63 -15.91
N LYS B 8 9.54 -28.35 -16.91
CA LYS B 8 10.86 -27.75 -16.65
C LYS B 8 10.72 -26.34 -16.05
N ARG B 9 9.94 -25.48 -16.72
CA ARG B 9 9.76 -24.11 -16.25
C ARG B 9 9.03 -24.05 -14.91
N GLU B 10 7.94 -24.83 -14.78
CA GLU B 10 7.24 -24.90 -13.51
C GLU B 10 8.16 -25.39 -12.41
N ALA B 11 9.03 -26.36 -12.70
CA ALA B 11 9.90 -26.94 -11.69
C ALA B 11 10.91 -25.92 -11.18
N ILE B 12 11.56 -25.20 -12.11
CA ILE B 12 12.50 -24.17 -11.67
C ILE B 12 11.77 -23.05 -10.91
N LEU B 13 10.57 -22.67 -11.36
CA LEU B 13 9.85 -21.59 -10.66
C LEU B 13 9.43 -22.02 -9.26
N GLU B 14 8.91 -23.25 -9.12
CA GLU B 14 8.50 -23.75 -7.82
C GLU B 14 9.68 -23.97 -6.90
N ALA B 15 10.83 -24.39 -7.44
CA ALA B 15 12.01 -24.56 -6.59
C ALA B 15 12.51 -23.21 -6.10
N ALA B 16 12.52 -22.20 -6.99
CA ALA B 16 12.89 -20.85 -6.57
C ALA B 16 11.94 -20.30 -5.51
N LYS B 17 10.63 -20.44 -5.75
CA LYS B 17 9.62 -20.02 -4.79
C LYS B 17 9.87 -20.68 -3.45
N ARG B 18 9.98 -22.02 -3.44
CA ARG B 18 10.21 -22.73 -2.19
C ARG B 18 11.46 -22.23 -1.48
N LEU B 19 12.50 -21.84 -2.24
CA LEU B 19 13.73 -21.41 -1.60
C LEU B 19 13.64 -19.98 -1.05
N PHE B 20 12.87 -19.09 -1.72
CA PHE B 20 12.67 -17.74 -1.19
C PHE B 20 11.81 -17.72 0.07
N LEU B 21 10.89 -18.66 0.21
CA LEU B 21 10.09 -18.76 1.42
C LEU B 21 10.85 -19.43 2.57
N CYS B 22 12.17 -19.59 2.46
CA CYS B 22 13.01 -19.99 3.60
C CYS B 22 14.16 -19.01 3.77
N ASN B 23 14.80 -18.68 2.66
CA ASN B 23 15.87 -17.70 2.62
C ASN B 23 15.47 -16.57 1.67
N GLY B 24 15.91 -15.36 1.97
CA GLY B 24 15.51 -14.22 1.18
C GLY B 24 16.10 -14.21 -0.21
N TYR B 25 16.09 -13.03 -0.84
CA TYR B 25 16.94 -12.81 -2.00
C TYR B 25 18.40 -13.18 -1.68
N ASP B 26 18.92 -12.64 -0.56
CA ASP B 26 20.30 -12.92 -0.13
C ASP B 26 20.54 -14.41 0.10
N GLY B 27 19.73 -15.03 0.96
CA GLY B 27 20.02 -16.40 1.38
C GLY B 27 20.04 -17.41 0.23
N SER B 28 19.01 -17.41 -0.59
CA SER B 28 18.89 -18.33 -1.73
C SER B 28 19.82 -17.95 -2.86
N SER B 29 20.37 -18.97 -3.53
CA SER B 29 21.34 -18.80 -4.60
C SER B 29 20.95 -19.65 -5.80
N MET B 30 21.40 -19.23 -7.00
CA MET B 30 20.97 -19.88 -8.24
C MET B 30 21.53 -21.29 -8.38
N GLU B 31 22.70 -21.55 -7.79
CA GLU B 31 23.23 -22.92 -7.74
C GLU B 31 22.33 -23.80 -6.87
N ALA B 32 21.85 -23.26 -5.75
CA ALA B 32 20.91 -23.98 -4.90
C ALA B 32 19.56 -24.20 -5.59
N ILE B 33 19.10 -23.21 -6.39
CA ILE B 33 17.88 -23.40 -7.18
C ILE B 33 18.05 -24.55 -8.14
N ALA B 34 19.19 -24.59 -8.84
CA ALA B 34 19.46 -25.67 -9.78
C ALA B 34 19.49 -27.02 -9.08
N SER B 35 20.08 -27.08 -7.88
CA SER B 35 20.19 -28.35 -7.16
C SER B 35 18.83 -28.82 -6.62
N GLU B 36 18.02 -27.90 -6.11
CA GLU B 36 16.70 -28.23 -5.57
C GLU B 36 15.64 -28.40 -6.65
N ALA B 37 15.91 -27.97 -7.88
CA ALA B 37 14.99 -28.18 -9.00
C ALA B 37 15.28 -29.44 -9.79
N GLY B 38 16.43 -30.08 -9.57
CA GLY B 38 16.81 -31.23 -10.37
C GLY B 38 17.16 -30.90 -11.81
N VAL B 39 17.88 -29.79 -12.03
CA VAL B 39 18.35 -29.38 -13.36
C VAL B 39 19.76 -28.79 -13.24
N SER B 40 20.50 -28.85 -14.34
CA SER B 40 21.86 -28.31 -14.38
C SER B 40 21.84 -26.81 -14.18
N LYS B 41 22.91 -26.30 -13.56
CA LYS B 41 23.14 -24.86 -13.46
C LYS B 41 23.09 -24.20 -14.84
N LEU B 42 23.42 -24.96 -15.88
CA LEU B 42 23.38 -24.44 -17.23
C LEU B 42 21.95 -24.15 -17.69
N THR B 43 21.02 -25.08 -17.44
CA THR B 43 19.62 -24.83 -17.85
C THR B 43 19.02 -23.65 -17.09
N VAL B 44 19.47 -23.45 -15.83
CA VAL B 44 18.99 -22.37 -14.97
C VAL B 44 19.50 -21.01 -15.47
N TYR B 45 20.78 -20.93 -15.88
CA TYR B 45 21.24 -19.70 -16.53
C TYR B 45 20.67 -19.54 -17.94
N SER B 46 20.48 -20.68 -18.60
CA SER B 46 19.94 -20.79 -19.98
C SER B 46 18.57 -20.12 -20.11
N HIS B 47 17.81 -20.01 -19.03
CA HIS B 47 16.44 -19.42 -19.13
C HIS B 47 16.30 -18.20 -18.22
N PHE B 48 16.98 -18.21 -17.07
CA PHE B 48 16.87 -17.07 -16.12
C PHE B 48 18.22 -16.37 -15.96
N THR B 49 18.54 -15.48 -16.90
CA THR B 49 19.81 -14.72 -16.78
C THR B 49 19.74 -13.93 -15.48
N ASP B 50 20.44 -14.38 -14.43
CA ASP B 50 20.55 -13.75 -13.08
C ASP B 50 19.35 -14.06 -12.17
N LYS B 51 19.53 -13.83 -10.87
CA LYS B 51 18.52 -14.12 -9.81
C LYS B 51 17.33 -13.15 -9.88
N GLU B 52 17.59 -11.84 -9.99
CA GLU B 52 16.50 -10.87 -10.00
C GLU B 52 15.51 -11.20 -11.13
N THR B 53 16.03 -11.60 -12.30
CA THR B 53 15.18 -12.03 -13.42
C THR B 53 14.30 -13.22 -13.02
N LEU B 54 14.87 -14.17 -12.29
CA LEU B 54 14.12 -15.36 -11.90
C LEU B 54 12.99 -15.02 -10.94
N PHE B 55 13.31 -14.29 -9.86
CA PHE B 55 12.32 -13.78 -8.91
C PHE B 55 11.16 -13.06 -9.62
N SER B 56 11.51 -12.10 -10.47
CA SER B 56 10.48 -11.38 -11.21
C SER B 56 9.63 -12.30 -12.09
N GLU B 57 10.24 -13.31 -12.74
CA GLU B 57 9.47 -14.14 -13.66
C GLU B 57 8.53 -15.10 -12.92
N ALA B 58 8.91 -15.53 -11.71
CA ALA B 58 8.00 -16.30 -10.88
C ALA B 58 6.80 -15.47 -10.45
N VAL B 59 7.05 -14.21 -10.09
CA VAL B 59 5.97 -13.25 -9.87
C VAL B 59 5.03 -13.20 -11.08
N LYS B 60 5.62 -13.02 -12.27
CA LYS B 60 4.84 -12.97 -13.50
C LYS B 60 3.93 -14.18 -13.63
N ALA B 61 4.46 -15.36 -13.32
CA ALA B 61 3.68 -16.60 -13.45
C ALA B 61 2.50 -16.62 -12.48
N LYS B 62 2.75 -16.31 -11.19
CA LYS B 62 1.67 -16.26 -10.22
C LYS B 62 0.57 -15.29 -10.65
N CYS B 63 0.95 -14.09 -11.12
CA CYS B 63 -0.05 -13.12 -11.58
C CYS B 63 -0.90 -13.68 -12.69
N ALA B 64 -0.25 -14.17 -13.75
CA ALA B 64 -0.99 -14.72 -14.87
C ALA B 64 -1.93 -15.84 -14.42
N GLU B 65 -1.49 -16.65 -13.46
CA GLU B 65 -2.33 -17.72 -12.94
C GLU B 65 -3.60 -17.18 -12.30
N GLN B 66 -3.47 -16.20 -11.40
CA GLN B 66 -4.66 -15.71 -10.71
C GLN B 66 -5.48 -14.72 -11.53
N LEU B 67 -4.87 -14.07 -12.51
CA LEU B 67 -5.54 -13.07 -13.34
C LEU B 67 -5.23 -13.33 -14.81
N PRO B 68 -5.86 -14.35 -15.38
CA PRO B 68 -5.51 -14.75 -16.75
C PRO B 68 -5.94 -13.71 -17.77
N ALA B 69 -5.20 -13.67 -18.88
CA ALA B 69 -5.43 -12.70 -19.94
C ALA B 69 -6.87 -12.71 -20.41
N LEU B 70 -7.51 -13.88 -20.38
CA LEU B 70 -8.90 -13.96 -20.78
C LEU B 70 -9.75 -12.98 -19.98
N TYR B 71 -9.54 -12.93 -18.66
CA TYR B 71 -10.29 -12.02 -17.79
C TYR B 71 -10.39 -10.60 -18.33
N PHE B 72 -9.41 -10.16 -19.11
CA PHE B 72 -9.34 -8.78 -19.53
C PHE B 72 -9.91 -8.54 -20.92
N GLN B 73 -10.66 -9.51 -21.47
CA GLN B 73 -11.36 -9.35 -22.74
C GLN B 73 -12.78 -8.90 -22.47
N LEU B 74 -13.18 -7.79 -23.11
CA LEU B 74 -14.56 -7.31 -23.01
C LEU B 74 -15.18 -7.54 -24.37
N ALA B 75 -15.63 -8.79 -24.59
CA ALA B 75 -16.30 -9.18 -25.81
C ALA B 75 -17.52 -8.29 -26.06
N GLU B 76 -17.90 -8.20 -27.33
CA GLU B 76 -19.09 -7.43 -27.69
C GLU B 76 -20.32 -7.96 -26.96
N GLY B 77 -21.01 -7.07 -26.24
CA GLY B 77 -22.17 -7.45 -25.46
C GLY B 77 -21.87 -8.09 -24.12
N ALA B 78 -20.60 -8.18 -23.71
CA ALA B 78 -20.26 -8.83 -22.46
C ALA B 78 -20.72 -7.99 -21.27
N PRO B 79 -21.08 -8.63 -20.17
CA PRO B 79 -21.54 -7.89 -18.98
C PRO B 79 -20.36 -7.28 -18.22
N LEU B 80 -20.27 -5.95 -18.26
CA LEU B 80 -19.12 -5.30 -17.62
C LEU B 80 -19.05 -5.60 -16.13
N GLU B 81 -20.20 -5.65 -15.46
CA GLU B 81 -20.19 -5.91 -14.02
C GLU B 81 -19.50 -7.24 -13.72
N LYS B 82 -19.85 -8.30 -14.46
CA LYS B 82 -19.27 -9.61 -14.18
C LYS B 82 -17.76 -9.61 -14.44
N VAL B 83 -17.33 -8.87 -15.46
CA VAL B 83 -15.92 -8.86 -15.79
C VAL B 83 -15.14 -8.20 -14.67
N LEU B 84 -15.53 -6.96 -14.34
CA LEU B 84 -14.91 -6.25 -13.22
C LEU B 84 -14.89 -7.09 -11.95
N LEU B 85 -16.03 -7.72 -11.61
CA LEU B 85 -16.10 -8.54 -10.40
C LEU B 85 -15.10 -9.69 -10.44
N ASN B 86 -14.90 -10.32 -11.59
CA ASN B 86 -13.96 -11.43 -11.63
C ASN B 86 -12.53 -10.91 -11.48
N ILE B 87 -12.21 -9.79 -12.13
CA ILE B 87 -10.86 -9.23 -11.99
C ILE B 87 -10.59 -8.83 -10.54
N ALA B 88 -11.58 -8.22 -9.89
CA ALA B 88 -11.42 -7.81 -8.50
C ALA B 88 -11.23 -9.01 -7.59
N ARG B 89 -12.01 -10.08 -7.79
CA ARG B 89 -11.86 -11.28 -6.98
C ARG B 89 -10.50 -11.91 -7.18
N GLY B 90 -10.09 -12.04 -8.44
CA GLY B 90 -8.81 -12.65 -8.72
C GLY B 90 -7.68 -11.88 -8.08
N PHE B 91 -7.72 -10.55 -8.22
CA PHE B 91 -6.72 -9.67 -7.62
C PHE B 91 -6.69 -9.79 -6.10
N HIS B 92 -7.85 -9.74 -5.44
CA HIS B 92 -7.88 -9.83 -3.98
C HIS B 92 -7.30 -11.18 -3.48
N ARG B 93 -7.64 -12.29 -4.15
CA ARG B 93 -6.98 -13.56 -3.82
C ARG B 93 -5.48 -13.46 -4.01
N LEU B 94 -5.05 -12.98 -5.18
CA LEU B 94 -3.63 -12.83 -5.50
C LEU B 94 -2.88 -12.10 -4.38
N ILE B 95 -3.20 -10.80 -4.17
CA ILE B 95 -2.42 -9.99 -3.22
C ILE B 95 -2.49 -10.53 -1.79
N ASN B 96 -3.57 -11.21 -1.40
CA ASN B 96 -3.64 -11.63 -0.01
C ASN B 96 -3.15 -13.07 0.21
N SER B 97 -2.78 -13.77 -0.87
CA SER B 97 -2.23 -15.11 -0.75
C SER B 97 -0.92 -15.11 0.03
N HIS B 98 -0.65 -16.23 0.70
CA HIS B 98 0.52 -16.34 1.55
C HIS B 98 1.80 -16.10 0.75
N GLU B 99 1.84 -16.59 -0.47
CA GLU B 99 3.03 -16.47 -1.29
C GLU B 99 3.24 -15.03 -1.78
N ALA B 100 2.16 -14.37 -2.20
CA ALA B 100 2.23 -12.95 -2.55
C ALA B 100 2.76 -12.11 -1.39
N ILE B 101 2.22 -12.35 -0.19
CA ILE B 101 2.64 -11.59 0.96
C ILE B 101 4.12 -11.82 1.26
N ALA B 102 4.55 -13.08 1.27
CA ALA B 102 5.94 -13.36 1.58
C ALA B 102 6.87 -12.64 0.61
N LEU B 103 6.57 -12.73 -0.68
CA LEU B 103 7.46 -12.11 -1.67
C LEU B 103 7.41 -10.60 -1.58
N THR B 104 6.26 -10.01 -1.19
CA THR B 104 6.24 -8.57 -1.02
C THR B 104 7.03 -8.14 0.21
N ARG B 105 7.11 -8.98 1.23
CA ARG B 105 7.92 -8.62 2.39
C ARG B 105 9.41 -8.80 2.13
N LEU B 106 9.78 -9.78 1.30
CA LEU B 106 11.17 -9.83 0.82
C LEU B 106 11.50 -8.60 -0.02
N MET B 107 10.62 -8.24 -0.96
CA MET B 107 10.83 -7.04 -1.75
C MET B 107 10.94 -5.79 -0.88
N ALA B 108 10.14 -5.70 0.18
CA ALA B 108 10.23 -4.56 1.08
C ALA B 108 11.55 -4.53 1.81
N ALA B 109 12.03 -5.70 2.23
CA ALA B 109 13.32 -5.80 2.92
C ALA B 109 14.49 -5.21 2.14
N GLN B 110 14.34 -4.99 0.83
CA GLN B 110 15.48 -4.37 0.10
C GLN B 110 14.97 -3.37 -0.94
N ALA B 111 14.21 -2.37 -0.51
CA ALA B 111 13.63 -1.38 -1.44
C ALA B 111 14.73 -0.50 -2.02
N GLY B 112 15.31 0.39 -1.22
CA GLY B 112 16.32 1.32 -1.75
C GLY B 112 17.75 0.81 -1.62
N GLN B 113 17.93 -0.50 -1.65
CA GLN B 113 19.26 -1.13 -1.55
C GLN B 113 19.39 -2.15 -2.66
N ASN B 114 18.47 -2.13 -3.63
CA ASN B 114 18.52 -3.15 -4.67
C ASN B 114 17.72 -2.66 -5.88
N PRO B 115 18.21 -1.65 -6.62
CA PRO B 115 17.36 -1.05 -7.65
C PRO B 115 17.04 -1.99 -8.79
N LYS B 116 17.91 -2.95 -9.09
CA LYS B 116 17.63 -3.88 -10.18
C LYS B 116 16.41 -4.73 -9.85
N LEU B 117 16.39 -5.31 -8.64
CA LEU B 117 15.24 -6.10 -8.22
C LEU B 117 13.98 -5.26 -8.18
N SER B 118 14.08 -4.01 -7.71
CA SER B 118 12.91 -3.14 -7.66
C SER B 118 12.29 -2.96 -9.03
N GLU B 119 13.11 -2.66 -10.05
CA GLU B 119 12.54 -2.41 -11.36
C GLU B 119 12.05 -3.70 -12.03
N LEU B 120 12.75 -4.81 -11.79
CA LEU B 120 12.25 -6.08 -12.31
C LEU B 120 10.91 -6.45 -11.68
N PHE B 121 10.89 -6.58 -10.35
CA PHE B 121 9.64 -6.84 -9.63
C PHE B 121 8.50 -5.97 -10.10
N PHE B 122 8.69 -4.65 -10.20
CA PHE B 122 7.58 -3.83 -10.66
C PHE B 122 7.14 -4.24 -12.06
N GLU B 123 8.07 -4.44 -12.99
CA GLU B 123 7.65 -4.73 -14.36
C GLU B 123 6.92 -6.06 -14.48
N ALA B 124 7.21 -7.01 -13.59
CA ALA B 124 6.68 -8.37 -13.69
C ALA B 124 5.27 -8.51 -13.11
N GLY B 125 5.05 -7.95 -11.93
CA GLY B 125 3.76 -7.97 -11.28
C GLY B 125 2.91 -6.76 -11.62
N PRO B 126 3.11 -5.66 -10.88
CA PRO B 126 2.18 -4.51 -11.01
C PRO B 126 2.01 -4.01 -12.43
N LYS B 127 3.10 -3.88 -13.18
CA LYS B 127 3.02 -3.33 -14.53
C LYS B 127 2.18 -4.21 -15.45
N GLN B 128 2.26 -5.54 -15.31
CA GLN B 128 1.50 -6.40 -16.24
C GLN B 128 0.01 -6.29 -15.96
N VAL B 129 -0.34 -6.23 -14.67
CA VAL B 129 -1.73 -6.12 -14.26
C VAL B 129 -2.32 -4.77 -14.66
N ILE B 130 -1.57 -3.68 -14.44
CA ILE B 130 -2.05 -2.35 -14.85
C ILE B 130 -2.17 -2.25 -16.37
N ASP B 131 -1.29 -2.92 -17.13
CA ASP B 131 -1.42 -2.87 -18.60
C ASP B 131 -2.67 -3.63 -19.06
N GLU B 132 -2.83 -4.88 -18.62
CA GLU B 132 -4.06 -5.63 -18.89
C GLU B 132 -5.30 -4.78 -18.61
N MET B 133 -5.32 -4.13 -17.43
CA MET B 133 -6.52 -3.42 -17.00
C MET B 133 -6.73 -2.14 -17.80
N GLU B 134 -5.64 -1.43 -18.16
CA GLU B 134 -5.81 -0.27 -19.00
C GLU B 134 -6.42 -0.66 -20.34
N ARG B 135 -5.98 -1.80 -20.91
CA ARG B 135 -6.57 -2.29 -22.16
C ARG B 135 -8.07 -2.53 -21.99
N LEU B 136 -8.44 -3.29 -20.96
CA LEU B 136 -9.86 -3.53 -20.68
C LEU B 136 -10.64 -2.23 -20.52
N LEU B 137 -10.11 -1.27 -19.75
CA LEU B 137 -10.85 -0.04 -19.49
C LEU B 137 -10.96 0.82 -20.74
N GLU B 138 -9.99 0.72 -21.64
CA GLU B 138 -10.11 1.41 -22.91
C GLU B 138 -11.24 0.82 -23.76
N GLN B 139 -11.32 -0.52 -23.80
CA GLN B 139 -12.46 -1.13 -24.48
C GLN B 139 -13.78 -0.69 -23.86
N ALA B 140 -13.84 -0.61 -22.52
CA ALA B 140 -15.07 -0.18 -21.85
C ALA B 140 -15.41 1.28 -22.12
N ARG B 141 -14.38 2.08 -22.39
CA ARG B 141 -14.63 3.51 -22.73
C ARG B 141 -15.22 3.54 -24.13
N ARG B 142 -14.64 2.78 -25.06
CA ARG B 142 -15.16 2.76 -26.43
C ARG B 142 -16.63 2.35 -26.47
N SER B 143 -16.98 1.21 -25.84
CA SER B 143 -18.36 0.76 -25.78
C SER B 143 -19.30 1.77 -25.14
N GLY B 144 -18.77 2.85 -24.57
CA GLY B 144 -19.60 3.83 -23.91
C GLY B 144 -20.18 3.38 -22.60
N LYS B 145 -19.55 2.41 -21.94
CA LYS B 145 -20.06 1.93 -20.65
C LYS B 145 -19.46 2.67 -19.46
N LEU B 146 -18.26 3.20 -19.64
CA LEU B 146 -17.54 3.96 -18.58
C LEU B 146 -16.96 5.23 -19.19
N ALA B 147 -16.56 6.19 -18.37
CA ALA B 147 -16.00 7.44 -18.92
C ALA B 147 -14.87 7.96 -18.05
N PHE B 148 -13.68 8.12 -18.62
CA PHE B 148 -12.52 8.64 -17.85
C PHE B 148 -11.54 9.32 -18.80
N PRO B 149 -10.83 10.39 -18.37
CA PRO B 149 -9.87 11.06 -19.23
C PRO B 149 -8.62 10.20 -19.44
N ASP B 150 -8.24 9.43 -18.43
CA ASP B 150 -7.05 8.53 -18.53
C ASP B 150 -7.46 7.17 -17.98
N ALA B 151 -7.39 6.13 -18.80
CA ALA B 151 -7.80 4.77 -18.38
C ALA B 151 -6.72 4.13 -17.51
N ARG B 152 -5.46 4.52 -17.71
CA ARG B 152 -4.44 3.91 -16.87
C ARG B 152 -4.60 4.37 -15.42
N HIS B 153 -4.81 5.67 -15.20
CA HIS B 153 -5.08 6.17 -13.85
C HIS B 153 -6.28 5.48 -13.25
N ALA B 154 -7.29 5.16 -14.08
CA ALA B 154 -8.48 4.47 -13.59
C ALA B 154 -8.16 3.04 -13.19
N ALA B 155 -7.33 2.35 -13.98
CA ALA B 155 -6.86 1.04 -13.58
C ALA B 155 -6.15 1.08 -12.22
N GLU B 156 -5.31 2.09 -12.01
CA GLU B 156 -4.59 2.21 -10.74
C GLU B 156 -5.53 2.46 -9.58
N HIS B 157 -6.51 3.35 -9.76
CA HIS B 157 -7.51 3.56 -8.73
C HIS B 157 -8.24 2.28 -8.43
N PHE B 158 -8.59 1.53 -9.47
CA PHE B 158 -9.31 0.28 -9.27
C PHE B 158 -8.52 -0.67 -8.40
N PHE B 159 -7.22 -0.83 -8.69
CA PHE B 159 -6.46 -1.81 -7.92
C PHE B 159 -6.17 -1.32 -6.52
N MET B 160 -5.95 -0.02 -6.34
CA MET B 160 -5.75 0.52 -4.99
C MET B 160 -7.00 0.32 -4.14
N LEU B 161 -8.18 0.63 -4.68
CA LEU B 161 -9.44 0.36 -3.99
C LEU B 161 -9.59 -1.13 -3.65
N VAL B 162 -9.30 -2.02 -4.58
CA VAL B 162 -9.48 -3.44 -4.25
C VAL B 162 -8.53 -3.86 -3.13
N LYS B 163 -7.24 -3.56 -3.31
CA LYS B 163 -6.20 -3.89 -2.32
C LYS B 163 -6.60 -3.44 -0.91
N GLY B 164 -7.03 -2.19 -0.75
CA GLY B 164 -7.56 -1.74 0.53
C GLY B 164 -6.65 -1.78 1.74
N CYS B 165 -7.08 -1.16 2.86
CA CYS B 165 -6.28 -1.14 4.08
C CYS B 165 -6.07 -2.52 4.69
N ALA B 166 -7.00 -3.44 4.47
CA ALA B 166 -6.85 -4.79 4.99
C ALA B 166 -5.51 -5.40 4.58
N ASN B 167 -5.11 -5.18 3.32
CA ASN B 167 -3.88 -5.79 2.83
C ASN B 167 -2.67 -5.18 3.48
N TYR B 168 -2.70 -3.85 3.68
CA TYR B 168 -1.70 -3.15 4.47
C TYR B 168 -1.51 -3.80 5.84
N ARG B 169 -2.61 -3.97 6.58
CA ARG B 169 -2.52 -4.56 7.91
C ARG B 169 -1.93 -5.96 7.84
N LEU B 170 -2.44 -6.76 6.92
CA LEU B 170 -1.97 -8.16 6.76
C LEU B 170 -0.49 -8.17 6.38
N LEU B 171 -0.01 -7.10 5.75
CA LEU B 171 1.40 -7.08 5.29
C LEU B 171 2.34 -6.72 6.44
N ILE B 172 1.95 -5.76 7.29
CA ILE B 172 2.85 -5.30 8.39
C ILE B 172 2.80 -6.21 9.61
N GLY B 173 1.99 -7.26 9.59
CA GLY B 173 2.01 -8.19 10.74
C GLY B 173 0.83 -8.03 11.66
N CYS B 174 -0.15 -7.19 11.33
CA CYS B 174 -1.35 -7.07 12.20
C CYS B 174 -2.50 -7.82 11.53
N ALA B 175 -2.23 -9.06 11.13
CA ALA B 175 -3.19 -9.93 10.39
C ALA B 175 -4.52 -10.07 11.12
N GLU B 176 -5.42 -9.10 11.00
CA GLU B 176 -6.75 -9.27 11.64
C GLU B 176 -7.41 -10.45 10.92
N PRO B 177 -7.92 -11.49 11.61
CA PRO B 177 -8.57 -12.63 10.97
C PRO B 177 -9.61 -12.13 9.96
N LEU B 178 -9.41 -12.45 8.67
CA LEU B 178 -10.28 -11.94 7.58
C LEU B 178 -11.16 -13.05 6.97
N ASP B 179 -12.47 -12.87 7.07
CA ASP B 179 -13.46 -13.75 6.47
C ASP B 179 -13.33 -13.75 4.96
N GLU B 180 -13.64 -14.89 4.34
CA GLU B 180 -13.94 -14.86 2.92
C GLU B 180 -15.23 -14.07 2.69
N ALA B 181 -16.14 -14.09 3.67
CA ALA B 181 -17.35 -13.27 3.63
C ALA B 181 -17.01 -11.77 3.59
N GLU B 182 -16.16 -11.31 4.52
CA GLU B 182 -15.74 -9.91 4.53
C GLU B 182 -14.99 -9.55 3.25
N GLY B 183 -14.06 -10.41 2.82
CA GLY B 183 -13.37 -10.16 1.56
C GLY B 183 -14.32 -9.97 0.39
N GLU B 184 -15.40 -10.76 0.34
CA GLU B 184 -16.29 -10.63 -0.79
C GLU B 184 -17.14 -9.36 -0.68
N ARG B 185 -17.62 -9.02 0.51
CA ARG B 185 -18.35 -7.76 0.67
C ARG B 185 -17.46 -6.58 0.27
N HIS B 186 -16.18 -6.63 0.64
CA HIS B 186 -15.23 -5.62 0.20
C HIS B 186 -15.17 -5.51 -1.32
N VAL B 187 -15.00 -6.65 -2.03
CA VAL B 187 -14.79 -6.55 -3.47
C VAL B 187 -16.06 -6.08 -4.17
N GLU B 188 -17.23 -6.50 -3.70
CA GLU B 188 -18.45 -5.99 -4.35
C GLU B 188 -18.60 -4.50 -4.09
N GLU B 189 -18.40 -4.06 -2.84
CA GLU B 189 -18.49 -2.65 -2.52
C GLU B 189 -17.57 -1.80 -3.37
N VAL B 190 -16.38 -2.31 -3.66
CA VAL B 190 -15.41 -1.57 -4.46
C VAL B 190 -15.84 -1.52 -5.91
N VAL B 191 -16.37 -2.63 -6.44
CA VAL B 191 -16.76 -2.58 -7.85
C VAL B 191 -17.98 -1.66 -8.02
N ALA B 192 -18.87 -1.61 -7.04
CA ALA B 192 -19.98 -0.68 -7.11
C ALA B 192 -19.49 0.76 -7.01
N LEU B 193 -18.50 1.02 -6.14
CA LEU B 193 -17.94 2.35 -6.02
C LEU B 193 -17.28 2.80 -7.33
N PHE B 194 -16.53 1.90 -7.96
CA PHE B 194 -15.86 2.22 -9.22
C PHE B 194 -16.87 2.48 -10.34
N LEU B 195 -17.90 1.65 -10.44
CA LEU B 195 -18.94 1.90 -11.42
C LEU B 195 -19.64 3.22 -11.17
N ARG B 196 -19.94 3.54 -9.91
CA ARG B 196 -20.52 4.85 -9.63
C ARG B 196 -19.57 5.96 -10.07
N ALA B 197 -18.32 5.90 -9.64
CA ALA B 197 -17.40 6.99 -9.90
C ALA B 197 -17.06 7.16 -11.38
N PHE B 198 -17.24 6.13 -12.22
CA PHE B 198 -16.84 6.23 -13.63
C PHE B 198 -18.00 6.03 -14.60
N ALA B 199 -19.21 6.20 -14.11
CA ALA B 199 -20.39 6.09 -14.96
C ALA B 199 -20.27 7.02 -16.15
N ALA B 200 -20.86 6.60 -17.26
CA ALA B 200 -20.89 7.44 -18.48
C ALA B 200 -22.27 8.10 -18.54
N GLY B 201 -22.33 9.37 -18.93
CA GLY B 201 -23.62 10.07 -19.03
C GLY B 201 -23.73 11.23 -18.06
N GLY B 202 -22.98 11.17 -16.95
CA GLY B 202 -23.00 12.24 -15.94
C GLY B 202 -24.37 12.41 -15.33
#